data_3V95
#
_entry.id   3V95
#
_cell.length_a   49.380
_cell.length_b   79.120
_cell.length_c   138.910
_cell.angle_alpha   90.00
_cell.angle_beta   90.00
_cell.angle_gamma   90.00
#
_symmetry.space_group_name_H-M   'P 21 21 21'
#
loop_
_entity.id
_entity.type
_entity.pdbx_description
1 polymer 'Ig gamma-1 chain C region'
2 branched beta-D-galactopyranose-(1-4)-2-acetamido-2-deoxy-beta-D-glucopyranose-(1-2)-alpha-D-mannopyranose-(1-6)-[2-acetamido-2-deoxy-beta-D-glucopyranose-(1-2)-alpha-D-mannopyranose-(1-3)]alpha-D-mannopyranose-(1-4)-2-acetamido-2-deoxy-beta-D-glucopyranose-(1-4)-2-acetamido-2-deoxy-beta-D-glucopyranose
3 non-polymer GLYCEROL
4 water water
#
_entity_poly.entity_id   1
_entity_poly.type   'polypeptide(L)'
_entity_poly.pdbx_seq_one_letter_code
;GGPSVFLFPPKPKDTLMISRTPEVTCVVVDVSHEDPEVKFNWYVDGVEVHNAKTKPREEQYNSTYRVVSVLTVLHQDWLN
GKEYKCKVSNKALPAPIEKTISKAKGQPREPQVYTLPPSRDELTKNQVSLTCLVKGFYPSDIAVEWESNGQPENNYKTTP
PVLDSDGSFFLYSKLTVDKSRWQQGNVFSCSVMHEALHNHYTQKSLSLSPGK
;
_entity_poly.pdbx_strand_id   A,B
#
loop_
_chem_comp.id
_chem_comp.type
_chem_comp.name
_chem_comp.formula
GAL D-saccharide, beta linking beta-D-galactopyranose 'C6 H12 O6'
GOL non-polymer GLYCEROL 'C3 H8 O3'
MAN D-saccharide, alpha linking alpha-D-mannopyranose 'C6 H12 O6'
NAG D-saccharide, beta linking 2-acetamido-2-deoxy-beta-D-glucopyranose 'C8 H15 N O6'
#
# COMPACT_ATOMS: atom_id res chain seq x y z
N GLY A 1 -21.82 19.06 -8.37
CA GLY A 1 -22.56 17.87 -8.91
C GLY A 1 -21.78 17.29 -10.07
N GLY A 2 -22.48 16.94 -11.15
CA GLY A 2 -21.86 16.81 -12.49
C GLY A 2 -20.81 15.71 -12.69
N PRO A 3 -20.42 15.48 -13.96
CA PRO A 3 -19.44 14.49 -14.40
C PRO A 3 -18.05 14.60 -13.80
N SER A 4 -17.43 13.45 -13.61
CA SER A 4 -16.11 13.31 -13.06
C SER A 4 -15.36 12.47 -14.04
N VAL A 5 -14.05 12.70 -14.12
CA VAL A 5 -13.14 11.97 -15.03
C VAL A 5 -11.98 11.33 -14.29
N PHE A 6 -11.62 10.13 -14.71
CA PHE A 6 -10.49 9.41 -14.14
C PHE A 6 -9.59 8.89 -15.25
N LEU A 7 -8.29 9.18 -15.11
CA LEU A 7 -7.24 8.78 -16.05
C LEU A 7 -6.29 7.66 -15.58
N PHE A 8 -6.26 6.55 -16.31
CA PHE A 8 -5.56 5.33 -15.88
C PHE A 8 -4.34 4.99 -16.74
N PRO A 9 -3.20 4.79 -16.10
CA PRO A 9 -1.91 4.58 -16.78
C PRO A 9 -1.90 3.19 -17.36
N PRO A 10 -0.88 2.85 -18.13
CA PRO A 10 -0.84 1.47 -18.59
C PRO A 10 -0.40 0.54 -17.48
N LYS A 11 -0.44 -0.76 -17.76
CA LYS A 11 0.09 -1.75 -16.84
C LYS A 11 1.61 -1.79 -16.97
N PRO A 12 2.34 -1.80 -15.85
CA PRO A 12 3.81 -1.76 -15.96
C PRO A 12 4.36 -2.79 -16.96
N LYS A 13 3.71 -3.94 -17.05
CA LYS A 13 4.16 -5.05 -17.89
C LYS A 13 4.01 -4.71 -19.37
N ASP A 14 2.98 -3.95 -19.66
CA ASP A 14 2.59 -3.62 -21.00
C ASP A 14 3.64 -2.74 -21.60
N THR A 15 4.07 -1.85 -20.74
CA THR A 15 5.02 -0.81 -20.99
C THR A 15 6.39 -1.37 -21.33
N LEU A 16 6.74 -2.49 -20.70
CA LEU A 16 8.10 -3.02 -20.71
C LEU A 16 8.32 -4.12 -21.73
N MET A 17 7.26 -4.51 -22.44
CA MET A 17 7.34 -5.55 -23.46
C MET A 17 6.79 -5.10 -24.78
N ILE A 18 7.60 -5.31 -25.82
CA ILE A 18 7.36 -4.91 -27.19
C ILE A 18 6.09 -5.56 -27.70
N SER A 19 5.98 -6.85 -27.41
CA SER A 19 4.81 -7.66 -27.66
C SER A 19 3.51 -7.06 -27.17
N ARG A 20 3.47 -6.61 -25.92
CA ARG A 20 2.22 -6.10 -25.35
C ARG A 20 1.90 -4.70 -25.83
N THR A 21 0.66 -4.29 -25.61
CA THR A 21 0.20 -2.99 -26.03
C THR A 21 -0.24 -2.19 -24.80
N PRO A 22 0.52 -1.14 -24.44
CA PRO A 22 0.18 -0.25 -23.33
C PRO A 22 -0.87 0.76 -23.73
N GLU A 23 -1.80 1.03 -22.81
CA GLU A 23 -2.90 1.95 -23.04
C GLU A 23 -3.07 2.88 -21.88
N VAL A 24 -3.57 4.08 -22.17
CA VAL A 24 -3.91 5.05 -21.15
C VAL A 24 -5.40 5.20 -21.31
N THR A 25 -6.14 5.16 -20.22
CA THR A 25 -7.60 5.12 -20.31
C THR A 25 -8.24 6.24 -19.52
N CYS A 26 -9.05 7.02 -20.21
CA CYS A 26 -9.71 8.14 -19.58
C CYS A 26 -11.20 7.83 -19.49
N VAL A 27 -11.74 7.82 -18.28
CA VAL A 27 -13.12 7.36 -18.11
C VAL A 27 -13.99 8.43 -17.56
N VAL A 28 -15.19 8.63 -18.11
CA VAL A 28 -16.10 9.63 -17.52
C VAL A 28 -17.32 8.97 -16.91
N VAL A 29 -17.65 9.41 -15.69
CA VAL A 29 -18.81 8.93 -14.92
C VAL A 29 -19.71 10.11 -14.50
N ASP A 30 -20.96 9.79 -14.14
CA ASP A 30 -21.93 10.81 -13.69
C ASP A 30 -22.25 11.80 -14.81
N VAL A 31 -22.52 11.25 -15.99
CA VAL A 31 -22.90 12.02 -17.18
C VAL A 31 -24.40 11.90 -17.35
N SER A 32 -25.13 12.97 -17.03
CA SER A 32 -26.59 13.02 -17.10
C SER A 32 -27.21 12.66 -18.44
N HIS A 33 -28.51 12.36 -18.39
CA HIS A 33 -29.42 12.25 -19.53
C HIS A 33 -29.70 13.62 -20.19
N GLU A 34 -29.66 14.69 -19.39
CA GLU A 34 -29.96 16.05 -19.84
C GLU A 34 -28.91 16.59 -20.82
N ASP A 35 -27.66 16.21 -20.58
CA ASP A 35 -26.54 16.61 -21.43
C ASP A 35 -25.57 15.47 -21.57
N PRO A 36 -25.93 14.46 -22.38
CA PRO A 36 -25.20 13.19 -22.57
C PRO A 36 -23.95 13.26 -23.44
N GLU A 37 -23.82 14.32 -24.23
CA GLU A 37 -22.67 14.44 -25.12
C GLU A 37 -21.39 14.65 -24.32
N VAL A 38 -20.38 13.88 -24.66
CA VAL A 38 -19.02 14.10 -24.16
C VAL A 38 -18.02 14.12 -25.34
N LYS A 39 -17.16 15.14 -25.36
CA LYS A 39 -16.06 15.25 -26.29
C LYS A 39 -14.75 14.97 -25.56
N PHE A 40 -13.87 14.20 -26.20
CA PHE A 40 -12.52 13.98 -25.74
C PHE A 40 -11.54 14.69 -26.65
N ASN A 41 -10.53 15.32 -26.08
CA ASN A 41 -9.36 15.75 -26.83
C ASN A 41 -8.13 15.19 -26.12
N TRP A 42 -7.25 14.59 -26.90
CA TRP A 42 -6.06 14.03 -26.35
C TRP A 42 -4.82 14.87 -26.68
N TYR A 43 -3.87 14.92 -25.75
CA TYR A 43 -2.60 15.63 -26.02
C TYR A 43 -1.41 14.83 -25.50
N VAL A 44 -0.38 14.72 -26.34
CA VAL A 44 0.88 14.14 -25.92
C VAL A 44 1.91 15.27 -25.79
N ASP A 45 2.49 15.41 -24.61
CA ASP A 45 3.38 16.53 -24.36
C ASP A 45 2.79 17.85 -24.89
N GLY A 46 1.57 18.16 -24.52
CA GLY A 46 0.99 19.42 -24.95
C GLY A 46 0.44 19.46 -26.36
N VAL A 47 0.87 18.53 -27.23
CA VAL A 47 0.43 18.51 -28.63
C VAL A 47 -0.68 17.47 -28.92
N GLU A 48 -1.81 17.94 -29.44
CA GLU A 48 -2.98 17.10 -29.75
C GLU A 48 -2.67 15.91 -30.65
N VAL A 49 -3.28 14.77 -30.31
CA VAL A 49 -3.20 13.59 -31.16
C VAL A 49 -4.63 13.16 -31.40
N HIS A 50 -4.86 12.33 -32.43
CA HIS A 50 -6.23 11.96 -32.84
C HIS A 50 -6.44 10.47 -33.15
N ASN A 51 -5.54 9.63 -32.63
CA ASN A 51 -5.61 8.17 -32.86
C ASN A 51 -6.36 7.41 -31.77
N ALA A 52 -7.09 8.15 -30.92
CA ALA A 52 -7.65 7.58 -29.70
C ALA A 52 -9.00 6.92 -29.95
N LYS A 53 -9.16 5.65 -29.57
CA LYS A 53 -10.42 4.88 -29.81
C LYS A 53 -11.46 5.00 -28.68
N THR A 54 -12.58 5.63 -29.00
CA THR A 54 -13.56 6.04 -28.00
C THR A 54 -14.85 5.24 -28.10
N LYS A 55 -15.20 4.58 -26.99
CA LYS A 55 -16.27 3.60 -26.98
C LYS A 55 -17.61 4.31 -26.92
N PRO A 56 -18.67 3.66 -27.46
CA PRO A 56 -20.00 4.24 -27.28
C PRO A 56 -20.52 4.12 -25.82
N ARG A 57 -20.94 5.28 -25.34
CA ARG A 57 -21.72 5.50 -24.15
C ARG A 57 -22.46 4.27 -23.62
N GLU A 58 -22.05 3.77 -22.44
CA GLU A 58 -22.73 2.71 -21.71
C GLU A 58 -23.56 3.27 -20.54
N GLU A 59 -24.89 3.17 -20.61
CA GLU A 59 -25.73 3.52 -19.44
C GLU A 59 -25.52 2.57 -18.26
N GLN A 60 -25.60 3.15 -17.07
CA GLN A 60 -25.29 2.49 -15.83
C GLN A 60 -26.58 2.38 -14.99
N TYR A 61 -26.53 1.59 -13.92
CA TYR A 61 -27.70 1.35 -13.04
C TYR A 61 -28.16 2.52 -12.14
N ASN A 62 -27.32 3.54 -11.99
CA ASN A 62 -27.75 4.77 -11.31
C ASN A 62 -28.25 5.80 -12.32
N SER A 63 -28.53 5.34 -13.52
CA SER A 63 -29.18 6.17 -14.54
C SER A 63 -28.26 7.34 -14.94
N THR A 64 -26.98 7.08 -14.80
CA THR A 64 -25.89 7.98 -15.03
C THR A 64 -25.14 7.38 -16.20
N TYR A 65 -24.54 8.21 -17.04
CA TYR A 65 -23.89 7.67 -18.22
C TYR A 65 -22.42 7.48 -18.00
N ARG A 66 -21.83 6.54 -18.71
CA ARG A 66 -20.38 6.40 -18.58
C ARG A 66 -19.63 6.00 -19.86
N VAL A 67 -18.64 6.80 -20.19
CA VAL A 67 -17.98 6.74 -21.47
C VAL A 67 -16.47 6.66 -21.31
N VAL A 68 -15.87 5.75 -22.04
CA VAL A 68 -14.46 5.46 -21.92
C VAL A 68 -13.73 5.93 -23.17
N SER A 69 -12.50 6.40 -23.00
CA SER A 69 -11.64 6.70 -24.14
C SER A 69 -10.28 6.11 -23.95
N VAL A 70 -9.75 5.50 -25.01
CA VAL A 70 -8.51 4.74 -24.92
C VAL A 70 -7.48 5.21 -25.95
N LEU A 71 -6.40 5.76 -25.43
CA LEU A 71 -5.24 6.08 -26.25
C LEU A 71 -4.21 5.00 -26.14
N THR A 72 -3.83 4.47 -27.29
CA THR A 72 -2.69 3.56 -27.43
C THR A 72 -1.41 4.39 -27.40
N VAL A 73 -0.49 3.93 -26.58
CA VAL A 73 0.69 4.64 -26.21
C VAL A 73 1.85 3.84 -26.75
N LEU A 74 2.75 4.49 -27.50
CA LEU A 74 4.04 3.92 -27.86
C LEU A 74 4.87 3.72 -26.60
N HIS A 75 5.49 2.54 -26.53
CA HIS A 75 6.24 2.10 -25.36
C HIS A 75 7.29 3.10 -25.00
N GLN A 76 8.16 3.40 -25.95
CA GLN A 76 9.32 4.23 -25.68
C GLN A 76 8.90 5.64 -25.32
N ASP A 77 7.71 6.04 -25.79
CA ASP A 77 7.13 7.35 -25.46
C ASP A 77 6.84 7.38 -23.98
N TRP A 78 6.25 6.32 -23.45
CA TRP A 78 5.94 6.28 -22.03
C TRP A 78 7.25 6.29 -21.25
N LEU A 79 8.20 5.47 -21.69
CA LEU A 79 9.46 5.30 -20.98
C LEU A 79 10.33 6.54 -21.09
N ASN A 80 10.05 7.41 -22.06
CA ASN A 80 10.74 8.71 -22.15
C ASN A 80 9.92 9.76 -21.41
N GLY A 81 9.02 9.29 -20.56
CA GLY A 81 8.18 10.17 -19.77
C GLY A 81 7.36 11.19 -20.53
N LYS A 82 6.75 10.77 -21.63
CA LYS A 82 5.78 11.65 -22.28
C LYS A 82 4.58 11.91 -21.38
N GLU A 83 3.91 13.04 -21.58
CA GLU A 83 2.76 13.46 -20.77
C GLU A 83 1.44 13.28 -21.53
N TYR A 84 0.53 12.50 -20.95
CA TYR A 84 -0.74 12.25 -21.60
C TYR A 84 -1.81 13.03 -20.90
N LYS A 85 -2.52 13.84 -21.69
CA LYS A 85 -3.60 14.68 -21.19
C LYS A 85 -4.93 14.35 -21.85
N CYS A 86 -5.91 13.96 -21.03
CA CYS A 86 -7.33 13.83 -21.41
C CYS A 86 -8.09 15.09 -21.06
N LYS A 87 -8.82 15.60 -22.05
CA LYS A 87 -9.59 16.83 -21.93
C LYS A 87 -11.02 16.45 -22.27
N VAL A 88 -11.90 16.61 -21.28
CA VAL A 88 -13.27 16.16 -21.35
C VAL A 88 -14.23 17.36 -21.32
N SER A 89 -15.14 17.41 -22.28
CA SER A 89 -16.12 18.47 -22.32
C SER A 89 -17.52 17.87 -22.24
N ASN A 90 -18.41 18.64 -21.62
CA ASN A 90 -19.78 18.25 -21.44
C ASN A 90 -20.49 19.56 -21.26
N LYS A 91 -21.66 19.69 -21.87
CA LYS A 91 -22.37 20.95 -21.83
C LYS A 91 -22.98 21.14 -20.44
N ALA A 92 -22.67 20.22 -19.52
CA ALA A 92 -23.08 20.36 -18.11
C ALA A 92 -22.08 21.08 -17.19
N LEU A 93 -20.89 21.41 -17.69
CA LEU A 93 -19.89 22.07 -16.83
C LEU A 93 -19.42 23.46 -17.30
N PRO A 94 -19.02 24.34 -16.35
CA PRO A 94 -18.42 25.62 -16.77
C PRO A 94 -17.24 25.34 -17.71
N ALA A 95 -16.19 24.71 -17.19
CA ALA A 95 -15.02 24.41 -18.02
C ALA A 95 -14.71 22.91 -18.16
N PRO A 96 -14.22 22.50 -19.35
CA PRO A 96 -13.81 21.13 -19.64
C PRO A 96 -12.70 20.61 -18.72
N ILE A 97 -12.98 19.50 -18.05
CA ILE A 97 -12.05 18.88 -17.12
C ILE A 97 -10.76 18.44 -17.81
N GLU A 98 -9.62 18.68 -17.18
CA GLU A 98 -8.36 18.15 -17.69
C GLU A 98 -7.68 17.24 -16.69
N LYS A 99 -7.14 16.15 -17.20
CA LYS A 99 -6.30 15.27 -16.43
C LYS A 99 -5.06 14.97 -17.26
N THR A 100 -3.95 14.69 -16.58
CA THR A 100 -2.65 14.48 -17.20
C THR A 100 -2.00 13.35 -16.42
N ILE A 101 -1.38 12.40 -17.12
CA ILE A 101 -0.72 11.29 -16.46
C ILE A 101 0.58 11.04 -17.19
N SER A 102 1.56 10.51 -16.46
CA SER A 102 2.85 10.17 -17.02
C SER A 102 3.52 9.18 -16.12
N LYS A 103 4.65 8.65 -16.56
CA LYS A 103 5.59 7.99 -15.67
C LYS A 103 6.02 9.06 -14.69
N ALA A 104 6.28 8.63 -13.46
CA ALA A 104 6.81 9.50 -12.41
C ALA A 104 8.17 10.07 -12.80
N LYS A 105 8.43 11.30 -12.37
CA LYS A 105 9.70 11.96 -12.70
C LYS A 105 10.87 11.66 -11.74
N GLY A 106 11.99 11.19 -12.29
CA GLY A 106 13.21 10.98 -11.50
C GLY A 106 14.12 10.20 -12.40
N GLN A 107 15.33 9.87 -11.96
CA GLN A 107 16.21 8.97 -12.74
C GLN A 107 15.89 7.55 -12.36
N PRO A 108 15.83 6.64 -13.35
CA PRO A 108 15.54 5.27 -13.01
C PRO A 108 16.71 4.71 -12.26
N ARG A 109 16.44 3.81 -11.32
CA ARG A 109 17.48 3.05 -10.64
C ARG A 109 17.15 1.57 -10.76
N GLU A 110 18.20 0.78 -10.92
CA GLU A 110 18.08 -0.63 -11.21
C GLU A 110 17.79 -1.47 -9.96
N PRO A 111 16.81 -2.37 -10.06
CA PRO A 111 16.44 -3.31 -9.02
C PRO A 111 17.55 -4.24 -8.58
N GLN A 112 17.75 -4.32 -7.28
CA GLN A 112 18.56 -5.39 -6.71
C GLN A 112 17.59 -6.51 -6.33
N VAL A 113 17.88 -7.75 -6.72
CA VAL A 113 16.96 -8.88 -6.50
C VAL A 113 17.55 -10.05 -5.73
N TYR A 114 17.19 -10.17 -4.46
CA TYR A 114 17.71 -11.26 -3.62
C TYR A 114 16.60 -12.19 -3.22
N THR A 115 16.93 -13.46 -3.15
CA THR A 115 16.03 -14.47 -2.61
C THR A 115 16.47 -14.83 -1.21
N LEU A 116 15.48 -15.09 -0.37
CA LEU A 116 15.72 -15.52 0.99
C LEU A 116 14.96 -16.83 1.19
N PRO A 117 15.66 -17.89 1.66
CA PRO A 117 15.00 -19.14 2.04
C PRO A 117 14.16 -18.93 3.30
N PRO A 118 13.26 -19.88 3.64
CA PRO A 118 12.43 -19.75 4.83
C PRO A 118 13.29 -19.77 6.06
N SER A 119 12.75 -19.27 7.17
CA SER A 119 13.40 -19.30 8.48
C SER A 119 13.50 -20.73 8.93
N ARG A 120 14.46 -20.99 9.81
CA ARG A 120 14.60 -22.31 10.42
C ARG A 120 13.37 -22.73 11.22
N ASP A 121 12.79 -21.79 11.99
CA ASP A 121 11.63 -22.09 12.82
C ASP A 121 10.38 -22.38 11.98
N GLU A 122 10.50 -22.16 10.68
CA GLU A 122 9.38 -22.36 9.78
C GLU A 122 9.28 -23.78 9.25
N LEU A 123 10.35 -24.57 9.37
CA LEU A 123 10.34 -25.95 8.90
C LEU A 123 9.27 -26.78 9.57
N THR A 124 8.98 -26.47 10.84
CA THR A 124 8.00 -27.20 11.65
C THR A 124 6.58 -27.27 11.01
N LYS A 125 6.27 -26.31 10.12
CA LYS A 125 4.94 -26.17 9.48
C LYS A 125 4.80 -26.95 8.15
N ASN A 126 3.59 -27.00 7.61
CA ASN A 126 3.25 -27.79 6.41
C ASN A 126 3.47 -27.04 5.10
N GLN A 127 3.58 -25.73 5.21
CA GLN A 127 3.74 -24.83 4.10
C GLN A 127 4.93 -23.97 4.42
N VAL A 128 5.68 -23.56 3.41
CA VAL A 128 6.81 -22.67 3.64
C VAL A 128 6.83 -21.42 2.79
N SER A 129 7.55 -20.43 3.31
CA SER A 129 7.61 -19.09 2.72
C SER A 129 8.93 -18.88 1.99
N LEU A 130 8.81 -18.70 0.68
CA LEU A 130 9.96 -18.37 -0.14
C LEU A 130 9.96 -16.88 -0.42
N THR A 131 10.97 -16.19 0.09
CA THR A 131 11.01 -14.72 -0.04
C THR A 131 11.81 -14.12 -1.19
N CYS A 132 11.19 -13.17 -1.88
CA CYS A 132 11.88 -12.42 -2.90
C CYS A 132 11.89 -10.96 -2.57
N LEU A 133 13.10 -10.46 -2.34
CA LEU A 133 13.31 -9.06 -2.00
C LEU A 133 13.81 -8.26 -3.20
N VAL A 134 13.07 -7.21 -3.56
CA VAL A 134 13.49 -6.34 -4.64
C VAL A 134 13.69 -4.95 -4.09
N LYS A 135 14.92 -4.48 -4.01
CA LYS A 135 15.16 -3.13 -3.44
C LYS A 135 15.80 -2.16 -4.42
N GLY A 136 15.66 -0.86 -4.14
CA GLY A 136 16.43 0.16 -4.85
C GLY A 136 16.01 0.38 -6.30
N PHE A 137 14.73 0.16 -6.59
CA PHE A 137 14.26 0.50 -7.92
C PHE A 137 13.57 1.86 -7.93
N TYR A 138 13.71 2.57 -9.05
CA TYR A 138 12.93 3.77 -9.36
C TYR A 138 12.73 3.81 -10.91
N PRO A 139 11.54 4.25 -11.40
CA PRO A 139 10.38 4.56 -10.59
C PRO A 139 9.72 3.24 -10.10
N SER A 140 8.49 3.30 -9.57
CA SER A 140 7.98 2.22 -8.72
C SER A 140 7.27 1.18 -9.51
N ASP A 141 6.91 1.53 -10.73
CA ASP A 141 6.28 0.58 -11.63
C ASP A 141 7.13 -0.69 -11.71
N ILE A 142 6.47 -1.85 -11.72
CA ILE A 142 7.18 -3.13 -11.67
C ILE A 142 6.24 -4.33 -11.63
N ALA A 143 6.77 -5.48 -12.02
CA ALA A 143 6.02 -6.74 -11.99
C ALA A 143 6.90 -7.80 -11.36
N VAL A 144 6.30 -8.70 -10.59
CA VAL A 144 7.08 -9.74 -9.94
C VAL A 144 6.37 -11.06 -10.07
N GLU A 145 7.08 -12.05 -10.61
CA GLU A 145 6.53 -13.40 -10.73
C GLU A 145 7.45 -14.52 -10.27
N TRP A 146 6.80 -15.59 -9.79
CA TRP A 146 7.47 -16.81 -9.35
C TRP A 146 7.18 -17.96 -10.28
N GLU A 147 8.20 -18.75 -10.56
CA GLU A 147 8.01 -19.99 -11.26
C GLU A 147 8.95 -21.05 -10.75
N SER A 148 8.57 -22.29 -11.04
CA SER A 148 9.48 -23.40 -10.88
C SER A 148 9.33 -24.32 -12.04
N ASN A 149 10.46 -24.92 -12.39
CA ASN A 149 10.56 -25.82 -13.54
C ASN A 149 9.81 -25.31 -14.76
N GLY A 150 10.10 -24.05 -15.10
CA GLY A 150 9.54 -23.42 -16.27
C GLY A 150 8.07 -23.11 -16.18
N GLN A 151 7.45 -23.35 -15.02
CA GLN A 151 5.99 -23.18 -14.92
C GLN A 151 5.56 -22.33 -13.72
N PRO A 152 4.48 -21.54 -13.88
CA PRO A 152 4.22 -20.49 -12.90
C PRO A 152 3.72 -21.03 -11.58
N GLU A 153 4.38 -20.61 -10.51
CA GLU A 153 3.88 -20.82 -9.15
C GLU A 153 2.82 -19.79 -8.90
N ASN A 154 1.56 -20.20 -8.80
CA ASN A 154 0.46 -19.26 -8.56
C ASN A 154 0.01 -19.12 -7.09
N ASN A 155 0.89 -19.41 -6.14
CA ASN A 155 0.51 -19.25 -4.74
C ASN A 155 1.45 -18.28 -4.03
N TYR A 156 1.57 -17.08 -4.60
CA TYR A 156 2.44 -16.02 -4.06
C TYR A 156 1.68 -14.74 -3.86
N LYS A 157 2.25 -13.87 -3.05
CA LYS A 157 1.67 -12.55 -2.87
C LYS A 157 2.81 -11.55 -2.90
N THR A 158 2.51 -10.34 -3.36
CA THR A 158 3.54 -9.32 -3.46
C THR A 158 3.02 -8.04 -2.79
N THR A 159 3.85 -7.45 -1.96
CA THR A 159 3.50 -6.17 -1.33
C THR A 159 3.59 -5.03 -2.38
N PRO A 160 2.87 -3.91 -2.16
CA PRO A 160 3.07 -2.70 -2.96
C PRO A 160 4.49 -2.19 -2.84
N PRO A 161 4.94 -1.41 -3.82
CA PRO A 161 6.20 -0.73 -3.63
C PRO A 161 6.16 0.14 -2.37
N VAL A 162 7.32 0.24 -1.71
CA VAL A 162 7.46 1.11 -0.57
C VAL A 162 8.62 2.08 -0.81
N LEU A 163 8.35 3.38 -0.59
CA LEU A 163 9.33 4.46 -0.65
C LEU A 163 10.42 4.29 0.40
N ASP A 164 11.61 3.90 -0.02
CA ASP A 164 12.73 3.65 0.90
C ASP A 164 13.29 5.00 1.43
N SER A 165 14.29 4.93 2.33
CA SER A 165 14.81 6.16 2.93
C SER A 165 15.68 6.96 1.95
N ASP A 166 16.34 6.27 1.02
CA ASP A 166 17.17 6.92 -0.02
C ASP A 166 16.39 7.31 -1.27
N GLY A 167 15.11 7.63 -1.13
CA GLY A 167 14.30 8.00 -2.29
C GLY A 167 13.88 6.86 -3.22
N SER A 168 14.52 5.70 -3.12
CA SER A 168 14.13 4.60 -3.99
C SER A 168 13.02 3.70 -3.38
N PHE A 169 12.67 2.63 -4.09
CA PHE A 169 11.59 1.76 -3.70
C PHE A 169 12.05 0.36 -3.43
N PHE A 170 11.41 -0.25 -2.47
CA PHE A 170 11.62 -1.68 -2.26
C PHE A 170 10.29 -2.42 -2.18
N LEU A 171 10.35 -3.73 -2.24
CA LEU A 171 9.18 -4.55 -2.10
C LEU A 171 9.58 -6.01 -1.83
N TYR A 172 8.59 -6.83 -1.54
CA TYR A 172 8.83 -8.22 -1.20
C TYR A 172 7.75 -9.03 -1.85
N SER A 173 8.12 -10.24 -2.29
CA SER A 173 7.15 -11.21 -2.76
C SER A 173 7.34 -12.51 -2.00
N LYS A 174 6.22 -13.17 -1.73
CA LYS A 174 6.25 -14.33 -0.84
C LYS A 174 5.49 -15.45 -1.50
N LEU A 175 6.23 -16.46 -1.91
CA LEU A 175 5.63 -17.63 -2.52
C LEU A 175 5.54 -18.67 -1.43
N THR A 176 4.38 -19.31 -1.37
CA THR A 176 4.17 -20.33 -0.35
C THR A 176 3.98 -21.68 -1.03
N VAL A 177 4.87 -22.60 -0.68
CA VAL A 177 4.86 -23.94 -1.24
C VAL A 177 4.73 -25.03 -0.16
N ASP A 178 4.19 -26.17 -0.56
CA ASP A 178 4.09 -27.31 0.33
C ASP A 178 5.50 -27.70 0.72
N LYS A 179 5.78 -27.65 2.02
CA LYS A 179 7.11 -27.86 2.59
C LYS A 179 7.89 -29.00 1.94
N SER A 180 7.19 -30.11 1.66
CA SER A 180 7.75 -31.23 0.92
C SER A 180 8.40 -30.75 -0.39
N ARG A 181 7.69 -29.93 -1.15
CA ARG A 181 8.24 -29.39 -2.40
C ARG A 181 9.58 -28.69 -2.20
N TRP A 182 9.86 -28.17 -1.02
CA TRP A 182 11.17 -27.57 -0.79
C TRP A 182 12.16 -28.64 -0.36
N GLN A 183 11.64 -29.69 0.27
CA GLN A 183 12.48 -30.77 0.80
C GLN A 183 13.17 -31.47 -0.36
N GLN A 184 12.37 -31.92 -1.33
CA GLN A 184 12.84 -32.54 -2.59
C GLN A 184 14.04 -31.80 -3.24
N GLY A 185 14.29 -30.56 -2.80
CA GLY A 185 15.35 -29.72 -3.34
C GLY A 185 15.03 -29.04 -4.66
N ASN A 186 13.76 -28.67 -4.88
CA ASN A 186 13.34 -28.03 -6.12
C ASN A 186 14.00 -26.66 -6.32
N VAL A 187 13.98 -26.19 -7.56
CA VAL A 187 14.50 -24.87 -7.84
C VAL A 187 13.34 -23.91 -8.12
N PHE A 188 13.40 -22.77 -7.43
CA PHE A 188 12.35 -21.77 -7.46
C PHE A 188 12.92 -20.41 -7.86
N SER A 189 12.25 -19.75 -8.79
CA SER A 189 12.79 -18.50 -9.30
C SER A 189 11.82 -17.35 -9.28
N CYS A 190 12.36 -16.19 -8.94
CA CYS A 190 11.64 -14.95 -8.81
C CYS A 190 12.00 -14.04 -9.99
N SER A 191 11.12 -14.00 -10.97
CA SER A 191 11.31 -13.18 -12.14
C SER A 191 10.79 -11.79 -11.83
N VAL A 192 11.59 -10.79 -12.17
CA VAL A 192 11.25 -9.39 -11.96
C VAL A 192 11.47 -8.64 -13.25
N MET A 193 10.56 -7.73 -13.58
CA MET A 193 10.81 -6.87 -14.73
C MET A 193 10.49 -5.42 -14.54
N HIS A 194 11.47 -4.58 -14.84
CA HIS A 194 11.44 -3.15 -14.59
C HIS A 194 12.27 -2.36 -15.65
N GLU A 195 11.98 -1.08 -15.85
CA GLU A 195 12.64 -0.33 -16.95
C GLU A 195 14.16 -0.27 -16.88
N ALA A 196 14.71 -0.18 -15.67
CA ALA A 196 16.15 -0.05 -15.49
C ALA A 196 16.89 -1.37 -15.57
N LEU A 197 16.19 -2.45 -15.94
CA LEU A 197 16.80 -3.76 -16.08
C LEU A 197 17.13 -4.11 -17.53
N HIS A 198 18.24 -4.79 -17.73
CA HIS A 198 18.60 -5.19 -19.07
C HIS A 198 17.63 -6.20 -19.64
N ASN A 199 17.02 -5.85 -20.76
CA ASN A 199 15.90 -6.57 -21.35
C ASN A 199 14.67 -6.42 -20.51
N HIS A 200 14.67 -5.41 -19.66
CA HIS A 200 13.55 -5.15 -18.76
C HIS A 200 13.18 -6.40 -17.94
N TYR A 201 14.12 -7.31 -17.75
CA TYR A 201 13.82 -8.58 -17.13
C TYR A 201 15.03 -9.13 -16.43
N THR A 202 14.86 -9.56 -15.19
CA THR A 202 15.87 -10.40 -14.58
C THR A 202 15.20 -11.56 -13.86
N GLN A 203 15.95 -12.60 -13.58
CA GLN A 203 15.44 -13.65 -12.72
C GLN A 203 16.53 -14.17 -11.83
N LYS A 204 16.18 -14.50 -10.61
CA LYS A 204 17.07 -15.22 -9.71
C LYS A 204 16.24 -16.34 -9.11
N SER A 205 16.93 -17.44 -8.75
CA SER A 205 16.28 -18.64 -8.25
C SER A 205 16.84 -19.08 -6.91
N LEU A 206 16.15 -20.00 -6.22
CA LEU A 206 16.63 -20.51 -4.93
C LEU A 206 16.17 -21.93 -4.56
N SER A 207 16.99 -22.57 -3.73
CA SER A 207 16.80 -23.96 -3.31
C SER A 207 17.69 -24.22 -2.08
N LEU A 208 17.58 -25.41 -1.48
CA LEU A 208 18.47 -25.76 -0.35
C LEU A 208 19.72 -26.51 -0.77
N SER A 209 20.90 -25.95 -0.51
CA SER A 209 22.14 -26.62 -0.94
C SER A 209 23.23 -26.80 0.15
N PRO A 210 22.86 -27.36 1.32
CA PRO A 210 23.83 -27.48 2.45
C PRO A 210 24.92 -28.54 2.24
N GLY A 211 26.06 -28.35 2.94
CA GLY A 211 27.29 -29.12 2.73
C GLY A 211 28.49 -28.18 2.54
N LYS A 212 28.34 -27.27 1.58
CA LYS A 212 29.22 -26.10 1.38
C LYS A 212 28.38 -24.91 0.86
N GLY B 2 -22.97 17.64 2.60
CA GLY B 2 -21.89 18.19 3.50
C GLY B 2 -20.50 18.26 2.86
N PRO B 3 -19.58 19.01 3.51
CA PRO B 3 -18.21 18.87 3.00
C PRO B 3 -17.62 17.58 3.58
N SER B 4 -16.78 16.91 2.79
CA SER B 4 -16.18 15.63 3.16
C SER B 4 -15.90 15.49 4.67
N VAL B 5 -16.25 14.33 5.23
CA VAL B 5 -16.04 14.03 6.65
C VAL B 5 -15.28 12.70 6.80
N PHE B 6 -14.33 12.66 7.74
CA PHE B 6 -13.46 11.50 7.89
C PHE B 6 -13.27 11.01 9.32
N LEU B 7 -13.52 9.72 9.51
CA LEU B 7 -13.27 9.06 10.78
C LEU B 7 -11.97 8.25 10.67
N PHE B 8 -11.28 8.09 11.80
CA PHE B 8 -9.99 7.42 11.80
C PHE B 8 -9.83 6.52 12.99
N PRO B 9 -9.19 5.36 12.79
CA PRO B 9 -9.01 4.54 13.97
C PRO B 9 -7.87 5.12 14.88
N PRO B 10 -7.66 4.51 16.06
CA PRO B 10 -6.42 4.77 16.78
C PRO B 10 -5.29 4.04 16.06
N LYS B 11 -4.05 4.24 16.47
CA LYS B 11 -2.93 3.47 15.90
C LYS B 11 -2.90 2.13 16.59
N PRO B 12 -2.51 1.08 15.85
CA PRO B 12 -2.35 -0.21 16.46
C PRO B 12 -1.69 -0.15 17.84
N LYS B 13 -0.51 0.47 17.90
CA LYS B 13 0.31 0.53 19.11
C LYS B 13 -0.38 1.17 20.35
N ASP B 14 -1.12 2.24 20.14
CA ASP B 14 -1.72 2.97 21.24
C ASP B 14 -2.69 2.06 21.95
N THR B 15 -3.34 1.25 21.14
CA THR B 15 -4.41 0.39 21.55
C THR B 15 -3.88 -0.87 22.27
N LEU B 16 -2.58 -1.15 22.11
CA LEU B 16 -2.00 -2.41 22.59
C LEU B 16 -1.24 -2.36 23.91
N MET B 17 -0.93 -1.15 24.36
CA MET B 17 -0.27 -0.91 25.64
C MET B 17 -1.17 -0.06 26.51
N ILE B 18 -1.43 -0.55 27.73
CA ILE B 18 -2.32 0.13 28.67
C ILE B 18 -1.88 1.56 28.92
N SER B 19 -0.56 1.73 28.97
CA SER B 19 0.09 3.03 29.16
C SER B 19 -0.26 4.09 28.11
N ARG B 20 -0.50 3.67 26.87
CA ARG B 20 -0.71 4.67 25.81
C ARG B 20 -2.12 5.22 25.84
N THR B 21 -2.37 6.25 25.04
CA THR B 21 -3.69 6.87 24.97
C THR B 21 -4.22 6.79 23.53
N PRO B 22 -5.08 5.80 23.25
CA PRO B 22 -5.72 5.58 21.95
C PRO B 22 -6.86 6.55 21.69
N GLU B 23 -6.83 7.23 20.56
CA GLU B 23 -7.84 8.21 20.23
C GLU B 23 -8.45 8.00 18.84
N VAL B 24 -9.75 8.23 18.75
CA VAL B 24 -10.47 8.18 17.48
C VAL B 24 -10.69 9.63 16.99
N THR B 25 -10.49 9.87 15.71
CA THR B 25 -10.42 11.23 15.18
C THR B 25 -11.53 11.49 14.14
N CYS B 26 -12.03 12.73 14.08
CA CYS B 26 -13.12 13.06 13.16
C CYS B 26 -12.86 14.22 12.17
N VAL B 27 -11.70 14.23 11.51
CA VAL B 27 -11.33 15.35 10.62
C VAL B 27 -12.40 15.77 9.58
N VAL B 28 -12.84 17.02 9.68
CA VAL B 28 -13.83 17.63 8.78
C VAL B 28 -13.13 18.57 7.79
N VAL B 29 -13.16 18.22 6.51
CA VAL B 29 -12.52 19.04 5.46
C VAL B 29 -13.49 20.06 4.82
N ASP B 30 -12.98 20.81 3.85
CA ASP B 30 -13.75 21.79 3.06
C ASP B 30 -14.82 22.64 3.80
N VAL B 31 -14.55 23.01 5.05
CA VAL B 31 -15.37 24.03 5.75
C VAL B 31 -14.93 25.44 5.28
N SER B 32 -15.92 26.25 4.91
CA SER B 32 -15.65 27.53 4.25
C SER B 32 -15.96 28.69 5.18
N HIS B 33 -15.21 29.77 4.98
CA HIS B 33 -15.30 31.00 5.78
C HIS B 33 -16.73 31.47 6.10
N GLU B 34 -17.63 31.37 5.12
CA GLU B 34 -18.98 31.96 5.19
C GLU B 34 -19.95 31.37 6.24
N ASP B 35 -19.80 30.10 6.58
CA ASP B 35 -20.71 29.44 7.53
C ASP B 35 -20.07 28.53 8.59
N PRO B 36 -18.78 28.75 8.94
CA PRO B 36 -18.21 27.80 9.87
C PRO B 36 -18.61 28.07 11.32
N GLU B 37 -19.40 27.14 11.87
CA GLU B 37 -19.46 26.87 13.32
C GLU B 37 -20.00 25.45 13.45
N VAL B 38 -19.06 24.50 13.38
CA VAL B 38 -19.34 23.07 13.29
C VAL B 38 -19.54 22.39 14.65
N LYS B 39 -20.62 21.64 14.76
CA LYS B 39 -20.83 20.79 15.92
C LYS B 39 -20.28 19.40 15.63
N PHE B 40 -19.89 18.70 16.69
CA PHE B 40 -19.54 17.29 16.65
C PHE B 40 -20.34 16.66 17.79
N ASN B 41 -20.89 15.47 17.59
CA ASN B 41 -21.28 14.65 18.73
C ASN B 41 -20.88 13.19 18.58
N TRP B 42 -20.55 12.56 19.71
CA TRP B 42 -19.96 11.22 19.74
C TRP B 42 -20.85 10.24 20.49
N TYR B 43 -20.96 9.04 19.93
CA TYR B 43 -21.67 7.95 20.58
C TYR B 43 -20.85 6.67 20.42
N VAL B 44 -20.77 5.90 21.49
CA VAL B 44 -20.15 4.59 21.49
C VAL B 44 -21.24 3.55 21.69
N ASP B 45 -21.30 2.54 20.82
CA ASP B 45 -22.34 1.52 20.91
C ASP B 45 -23.69 2.17 21.19
N GLY B 46 -23.96 3.27 20.50
CA GLY B 46 -25.22 4.00 20.62
C GLY B 46 -25.25 5.17 21.61
N VAL B 47 -24.56 4.99 22.73
CA VAL B 47 -24.73 5.87 23.91
C VAL B 47 -24.10 7.26 23.78
N GLU B 48 -24.76 8.24 24.39
CA GLU B 48 -24.18 9.57 24.53
C GLU B 48 -22.90 9.44 25.36
N VAL B 49 -21.82 9.99 24.81
CA VAL B 49 -20.66 10.37 25.58
C VAL B 49 -20.18 11.68 24.96
N HIS B 50 -19.38 12.41 25.73
CA HIS B 50 -18.57 13.48 25.18
C HIS B 50 -17.53 13.81 26.24
N ASN B 51 -16.61 12.87 26.44
CA ASN B 51 -15.31 13.16 27.06
C ASN B 51 -14.35 13.64 25.96
N ALA B 52 -14.92 13.85 24.78
CA ALA B 52 -14.16 14.24 23.61
C ALA B 52 -13.78 15.71 23.63
N LYS B 53 -12.57 15.97 23.19
CA LYS B 53 -12.05 17.32 23.17
C LYS B 53 -12.01 17.82 21.74
N THR B 54 -12.97 18.68 21.42
CA THR B 54 -13.06 19.24 20.09
C THR B 54 -11.95 20.28 19.90
N LYS B 55 -10.85 19.82 19.31
CA LYS B 55 -9.67 20.65 19.06
C LYS B 55 -10.07 22.02 18.56
N PRO B 56 -9.36 23.08 19.00
CA PRO B 56 -9.55 24.42 18.40
C PRO B 56 -9.11 24.42 16.94
N ARG B 57 -9.86 25.16 16.10
CA ARG B 57 -9.84 25.09 14.63
C ARG B 57 -8.47 25.32 13.96
N GLU B 58 -8.44 25.17 12.64
CA GLU B 58 -7.26 25.46 11.82
C GLU B 58 -7.67 25.64 10.36
N GLU B 59 -6.98 26.51 9.62
CA GLU B 59 -7.25 26.74 8.20
C GLU B 59 -6.27 25.94 7.34
N GLN B 60 -6.38 26.03 6.02
CA GLN B 60 -5.42 25.37 5.11
C GLN B 60 -5.08 26.15 3.83
N TYR B 61 -4.33 25.49 2.95
CA TYR B 61 -3.72 26.05 1.72
C TYR B 61 -4.65 26.89 0.86
N ASN B 62 -5.74 26.27 0.38
CA ASN B 62 -6.77 26.92 -0.42
C ASN B 62 -7.66 27.81 0.47
N SER B 63 -8.81 28.25 -0.04
CA SER B 63 -9.72 29.10 0.77
C SER B 63 -10.43 28.31 1.90
N THR B 64 -9.92 27.11 2.19
CA THR B 64 -10.58 26.15 3.08
C THR B 64 -9.94 25.93 4.46
N TYR B 65 -10.81 25.73 5.45
CA TYR B 65 -10.44 25.36 6.80
C TYR B 65 -10.35 23.84 6.94
N ARG B 66 -9.37 23.36 7.70
CA ARG B 66 -9.35 21.98 8.13
C ARG B 66 -9.70 21.97 9.63
N VAL B 67 -10.83 21.37 10.00
CA VAL B 67 -11.25 21.33 11.43
C VAL B 67 -11.31 19.89 11.97
N VAL B 68 -11.11 19.71 13.29
CA VAL B 68 -10.97 18.38 13.92
C VAL B 68 -11.60 18.25 15.33
N SER B 69 -12.09 17.06 15.66
CA SER B 69 -12.39 16.70 17.05
C SER B 69 -11.64 15.42 17.36
N VAL B 70 -11.49 15.12 18.65
CA VAL B 70 -10.75 13.93 19.09
C VAL B 70 -11.48 13.36 20.27
N LEU B 71 -11.53 12.02 20.38
CA LEU B 71 -12.08 11.37 21.57
C LEU B 71 -11.15 10.29 22.05
N THR B 72 -10.81 10.35 23.34
CA THR B 72 -10.02 9.33 24.01
C THR B 72 -10.87 8.08 24.21
N VAL B 73 -10.23 6.92 24.20
CA VAL B 73 -10.90 5.65 24.10
C VAL B 73 -10.33 4.57 24.95
N LEU B 74 -11.16 3.71 25.49
CA LEU B 74 -10.70 2.61 26.29
C LEU B 74 -10.06 1.57 25.45
N HIS B 75 -9.05 0.91 25.98
CA HIS B 75 -8.33 -0.10 25.24
C HIS B 75 -9.24 -1.28 24.98
N GLN B 76 -9.97 -1.69 25.99
CA GLN B 76 -10.89 -2.81 25.85
C GLN B 76 -12.06 -2.52 24.91
N ASP B 77 -12.76 -1.40 25.13
CA ASP B 77 -13.83 -1.01 24.25
C ASP B 77 -13.41 -1.17 22.80
N TRP B 78 -12.28 -0.57 22.40
CA TRP B 78 -11.86 -0.68 21.01
C TRP B 78 -11.44 -2.08 20.63
N LEU B 79 -10.83 -2.81 21.55
CA LEU B 79 -10.49 -4.20 21.24
C LEU B 79 -11.69 -5.11 21.25
N ASN B 80 -12.83 -4.62 21.75
CA ASN B 80 -14.01 -5.46 21.89
C ASN B 80 -15.04 -5.28 20.78
N GLY B 81 -14.73 -4.38 19.83
CA GLY B 81 -15.54 -4.18 18.64
C GLY B 81 -16.45 -2.97 18.63
N LYS B 82 -16.60 -2.34 19.79
CA LYS B 82 -17.62 -1.33 19.98
C LYS B 82 -17.55 -0.31 18.88
N GLU B 83 -18.69 0.06 18.31
CA GLU B 83 -18.73 1.05 17.23
C GLU B 83 -18.56 2.44 17.81
N TYR B 84 -17.94 3.33 17.06
CA TYR B 84 -17.70 4.69 17.47
C TYR B 84 -18.22 5.60 16.37
N LYS B 85 -19.25 6.41 16.68
CA LYS B 85 -19.86 7.27 15.66
C LYS B 85 -19.78 8.74 15.97
N CYS B 86 -19.53 9.50 14.91
CA CYS B 86 -19.28 10.93 14.96
C CYS B 86 -20.32 11.72 14.10
N LYS B 87 -21.43 12.13 14.72
CA LYS B 87 -22.48 12.98 14.07
C LYS B 87 -22.01 14.44 14.02
N VAL B 88 -22.02 15.05 12.83
CA VAL B 88 -21.32 16.35 12.65
C VAL B 88 -22.13 17.58 12.16
N SER B 89 -23.26 17.88 12.84
CA SER B 89 -24.15 19.08 12.58
C SER B 89 -23.60 20.36 11.88
N ASN B 90 -23.65 20.43 10.54
CA ASN B 90 -23.32 21.68 9.82
C ASN B 90 -24.45 22.26 8.95
N LYS B 91 -25.05 23.32 9.49
CA LYS B 91 -26.14 24.06 8.86
C LYS B 91 -25.68 25.01 7.73
N ALA B 92 -24.64 24.60 7.00
CA ALA B 92 -24.31 25.20 5.71
C ALA B 92 -25.01 24.34 4.68
N LEU B 93 -25.01 23.03 4.93
CA LEU B 93 -25.62 22.05 4.02
C LEU B 93 -26.54 21.03 4.76
N PRO B 94 -27.04 19.99 4.03
CA PRO B 94 -28.33 19.29 4.29
C PRO B 94 -28.74 18.91 5.73
N ALA B 95 -28.05 17.95 6.35
CA ALA B 95 -28.55 17.34 7.59
C ALA B 95 -27.40 16.82 8.49
N PRO B 96 -27.72 16.00 9.52
CA PRO B 96 -26.62 15.41 10.30
C PRO B 96 -25.71 14.61 9.39
N ILE B 97 -24.52 14.26 9.87
CA ILE B 97 -23.66 13.40 9.08
C ILE B 97 -23.30 12.09 9.77
N GLU B 98 -23.02 11.10 8.94
CA GLU B 98 -22.77 9.75 9.37
C GLU B 98 -21.32 9.44 9.19
N LYS B 99 -20.77 8.70 10.15
CA LYS B 99 -19.52 7.97 10.02
C LYS B 99 -19.41 7.07 11.25
N THR B 100 -19.51 5.75 11.01
CA THR B 100 -19.21 4.77 12.04
C THR B 100 -17.79 4.25 11.77
N ILE B 101 -17.11 3.84 12.83
CA ILE B 101 -15.91 3.03 12.70
C ILE B 101 -15.83 2.12 13.90
N SER B 102 -15.25 0.95 13.69
CA SER B 102 -14.81 0.10 14.77
C SER B 102 -13.66 -0.72 14.24
N LYS B 103 -13.19 -1.63 15.07
CA LYS B 103 -12.17 -2.55 14.68
C LYS B 103 -12.75 -3.51 13.67
N ALA B 104 -11.89 -4.08 12.83
CA ALA B 104 -12.25 -5.23 12.02
C ALA B 104 -12.77 -6.36 12.92
N LYS B 105 -13.77 -7.08 12.43
CA LYS B 105 -14.44 -8.16 13.15
C LYS B 105 -13.84 -9.53 12.83
N GLY B 106 -13.78 -10.41 13.81
CA GLY B 106 -13.28 -11.76 13.58
C GLY B 106 -12.20 -12.22 14.54
N GLN B 107 -12.00 -13.53 14.60
CA GLN B 107 -11.07 -14.13 15.53
C GLN B 107 -9.72 -13.55 15.30
N PRO B 108 -9.16 -12.83 16.29
CA PRO B 108 -7.76 -12.45 16.12
C PRO B 108 -6.90 -13.70 15.99
N ARG B 109 -5.99 -13.69 15.03
CA ARG B 109 -5.06 -14.78 14.81
C ARG B 109 -3.70 -14.24 15.22
N GLU B 110 -2.81 -15.14 15.63
CA GLU B 110 -1.49 -14.76 16.12
C GLU B 110 -0.43 -14.75 15.02
N PRO B 111 0.41 -13.70 14.99
CA PRO B 111 1.44 -13.55 13.98
C PRO B 111 2.52 -14.56 14.19
N GLN B 112 2.97 -15.19 13.10
CA GLN B 112 4.25 -15.88 13.12
C GLN B 112 5.33 -14.87 12.74
N VAL B 113 6.51 -14.97 13.35
CA VAL B 113 7.57 -13.98 13.15
C VAL B 113 8.88 -14.66 12.81
N TYR B 114 9.35 -14.46 11.59
CA TYR B 114 10.62 -15.04 11.16
C TYR B 114 11.63 -13.99 10.73
N THR B 115 12.77 -13.98 11.40
CA THR B 115 13.85 -13.16 10.93
C THR B 115 14.56 -13.91 9.78
N LEU B 116 14.91 -13.18 8.72
CA LEU B 116 15.70 -13.76 7.63
C LEU B 116 16.98 -12.96 7.50
N PRO B 117 18.07 -13.59 7.04
CA PRO B 117 19.33 -12.85 6.89
C PRO B 117 19.55 -12.40 5.45
N PRO B 118 20.46 -11.43 5.22
CA PRO B 118 20.71 -11.03 3.84
C PRO B 118 21.21 -12.23 3.06
N SER B 119 20.99 -12.22 1.76
CA SER B 119 21.54 -13.26 0.88
C SER B 119 23.02 -12.96 0.73
N ARG B 120 23.79 -14.00 0.39
CA ARG B 120 25.21 -13.84 0.05
C ARG B 120 25.40 -12.62 -0.84
N ASP B 121 24.60 -12.54 -1.90
CA ASP B 121 24.76 -11.51 -2.94
C ASP B 121 24.73 -10.10 -2.40
N GLU B 122 23.88 -9.84 -1.44
CA GLU B 122 23.82 -8.52 -0.84
C GLU B 122 25.11 -8.18 -0.09
N LEU B 123 25.97 -9.17 0.11
CA LEU B 123 27.14 -8.97 0.95
C LEU B 123 28.30 -8.27 0.23
N THR B 124 28.12 -8.04 -1.07
CA THR B 124 29.07 -7.25 -1.85
C THR B 124 28.54 -5.82 -1.91
N LYS B 125 27.99 -5.34 -0.80
CA LYS B 125 27.60 -3.95 -0.74
C LYS B 125 27.93 -3.42 0.64
N ASN B 126 28.02 -2.10 0.77
CA ASN B 126 28.46 -1.50 2.03
C ASN B 126 27.37 -1.37 3.10
N GLN B 127 26.11 -1.56 2.69
CA GLN B 127 25.02 -1.72 3.63
C GLN B 127 24.24 -3.00 3.32
N VAL B 128 23.75 -3.67 4.37
CA VAL B 128 22.95 -4.90 4.23
C VAL B 128 21.48 -4.75 4.67
N SER B 129 20.67 -5.77 4.36
CA SER B 129 19.23 -5.77 4.68
C SER B 129 18.86 -6.93 5.61
N LEU B 130 18.31 -6.61 6.79
CA LEU B 130 17.75 -7.63 7.68
C LEU B 130 16.23 -7.66 7.51
N THR B 131 15.71 -8.87 7.26
CA THR B 131 14.28 -9.10 6.93
C THR B 131 13.47 -9.70 8.08
N CYS B 132 12.29 -9.17 8.30
CA CYS B 132 11.42 -9.70 9.32
C CYS B 132 10.08 -10.02 8.71
N LEU B 133 9.80 -11.30 8.58
CA LEU B 133 8.52 -11.76 8.09
C LEU B 133 7.52 -11.87 9.25
N VAL B 134 6.38 -11.23 9.11
CA VAL B 134 5.29 -11.36 10.08
C VAL B 134 4.05 -11.81 9.29
N LYS B 135 3.68 -13.08 9.38
CA LYS B 135 2.51 -13.59 8.65
C LYS B 135 1.52 -14.30 9.53
N GLY B 136 0.34 -14.56 8.97
CA GLY B 136 -0.70 -15.31 9.64
C GLY B 136 -1.49 -14.54 10.69
N PHE B 137 -1.40 -13.20 10.66
CA PHE B 137 -2.07 -12.42 11.66
C PHE B 137 -3.37 -11.79 11.21
N TYR B 138 -4.32 -11.74 12.16
CA TYR B 138 -5.63 -11.12 12.00
C TYR B 138 -6.05 -10.43 13.29
N PRO B 139 -6.59 -9.20 13.20
CA PRO B 139 -6.74 -8.32 12.06
C PRO B 139 -5.40 -7.66 11.67
N SER B 140 -5.46 -6.65 10.80
CA SER B 140 -4.22 -6.13 10.20
C SER B 140 -3.52 -5.09 11.09
N ASP B 141 -4.21 -4.59 12.12
CA ASP B 141 -3.63 -3.66 13.08
C ASP B 141 -2.42 -4.30 13.73
N ILE B 142 -1.26 -3.72 13.48
CA ILE B 142 -0.02 -4.34 13.89
C ILE B 142 0.99 -3.23 14.00
N ALA B 143 2.07 -3.53 14.73
CA ALA B 143 3.16 -2.55 14.90
C ALA B 143 4.50 -3.26 14.94
N VAL B 144 5.45 -2.73 14.20
CA VAL B 144 6.73 -3.38 14.06
C VAL B 144 7.87 -2.42 14.37
N GLU B 145 8.85 -2.89 15.14
CA GLU B 145 10.08 -2.13 15.45
C GLU B 145 11.31 -3.01 15.44
N TRP B 146 12.45 -2.34 15.30
CA TRP B 146 13.76 -2.99 15.34
C TRP B 146 14.64 -2.37 16.43
N GLU B 147 15.58 -3.13 16.93
CA GLU B 147 16.49 -2.62 17.90
C GLU B 147 17.76 -3.41 18.08
N SER B 148 18.73 -2.79 18.72
CA SER B 148 19.94 -3.49 19.11
C SER B 148 20.44 -3.04 20.47
N ASN B 149 20.92 -4.01 21.25
CA ASN B 149 21.34 -3.79 22.63
C ASN B 149 20.33 -2.90 23.36
N GLY B 150 19.06 -3.26 23.23
CA GLY B 150 17.96 -2.55 23.87
C GLY B 150 17.85 -1.09 23.51
N GLN B 151 18.74 -0.63 22.64
CA GLN B 151 18.63 0.69 22.03
C GLN B 151 18.01 0.52 20.63
N PRO B 152 17.16 1.48 20.21
CA PRO B 152 16.34 1.29 19.00
C PRO B 152 17.04 1.59 17.66
N GLU B 153 17.05 0.62 16.74
CA GLU B 153 17.46 0.85 15.36
C GLU B 153 16.49 1.72 14.56
N ASN B 154 17.01 2.64 13.77
CA ASN B 154 16.20 3.68 13.13
C ASN B 154 15.98 3.50 11.62
N ASN B 155 16.93 2.83 10.97
CA ASN B 155 16.92 2.75 9.53
C ASN B 155 16.22 1.49 8.95
N TYR B 156 14.91 1.49 9.11
CA TYR B 156 14.09 0.41 8.64
C TYR B 156 12.81 1.01 8.16
N LYS B 157 12.15 0.28 7.29
CA LYS B 157 10.83 0.63 6.82
C LYS B 157 10.10 -0.67 6.82
N THR B 158 8.80 -0.54 6.98
CA THR B 158 7.89 -1.66 7.08
C THR B 158 6.77 -1.50 6.06
N THR B 159 6.53 -2.57 5.32
CA THR B 159 5.48 -2.59 4.30
C THR B 159 4.12 -2.67 4.97
N PRO B 160 3.05 -2.18 4.31
CA PRO B 160 1.70 -2.35 4.87
C PRO B 160 1.31 -3.84 4.96
N PRO B 161 0.18 -4.18 5.62
CA PRO B 161 -0.20 -5.58 5.57
C PRO B 161 -1.00 -5.90 4.34
N VAL B 162 -0.71 -7.07 3.76
CA VAL B 162 -1.39 -7.60 2.60
C VAL B 162 -2.31 -8.76 3.01
N LEU B 163 -3.51 -8.83 2.42
CA LEU B 163 -4.35 -9.99 2.54
C LEU B 163 -3.57 -11.12 1.94
N ASP B 164 -3.23 -12.09 2.76
CA ASP B 164 -2.79 -13.35 2.22
C ASP B 164 -4.04 -14.19 1.76
N SER B 165 -3.78 -15.33 1.15
CA SER B 165 -4.86 -16.12 0.55
C SER B 165 -5.76 -16.90 1.53
N ASP B 166 -5.37 -16.96 2.79
CA ASP B 166 -6.19 -17.60 3.80
C ASP B 166 -7.03 -16.59 4.57
N GLY B 167 -6.99 -15.33 4.13
CA GLY B 167 -7.76 -14.28 4.81
C GLY B 167 -6.97 -13.73 5.97
N SER B 168 -5.77 -14.26 6.18
CA SER B 168 -4.85 -13.63 7.11
C SER B 168 -4.03 -12.53 6.41
N PHE B 169 -3.16 -11.89 7.16
CA PHE B 169 -2.36 -10.82 6.63
C PHE B 169 -0.91 -11.22 6.79
N PHE B 170 -0.03 -10.58 6.04
CA PHE B 170 1.39 -10.62 6.35
C PHE B 170 1.98 -9.27 6.08
N LEU B 171 3.26 -9.11 6.41
CA LEU B 171 4.05 -7.94 5.99
C LEU B 171 5.50 -8.32 6.09
N TYR B 172 6.37 -7.44 5.62
CA TYR B 172 7.80 -7.60 5.84
C TYR B 172 8.26 -6.29 6.39
N SER B 173 9.32 -6.33 7.20
CA SER B 173 9.97 -5.11 7.66
C SER B 173 11.43 -5.29 7.32
N LYS B 174 12.10 -4.20 6.97
CA LYS B 174 13.42 -4.33 6.38
C LYS B 174 14.35 -3.40 7.09
N LEU B 175 15.36 -3.94 7.75
CA LEU B 175 16.30 -3.04 8.46
C LEU B 175 17.61 -2.90 7.71
N THR B 176 18.09 -1.67 7.65
CA THR B 176 19.27 -1.42 6.90
C THR B 176 20.44 -1.04 7.79
N VAL B 177 21.51 -1.83 7.69
CA VAL B 177 22.72 -1.60 8.49
C VAL B 177 24.04 -1.68 7.69
N ASP B 178 24.98 -0.80 8.04
CA ASP B 178 26.34 -0.87 7.50
C ASP B 178 26.86 -2.28 7.71
N LYS B 179 27.25 -2.92 6.62
CA LYS B 179 27.61 -4.33 6.61
C LYS B 179 28.64 -4.68 7.66
N SER B 180 29.34 -3.68 8.19
CA SER B 180 30.36 -3.92 9.20
C SER B 180 29.71 -4.49 10.47
N ARG B 181 28.56 -3.92 10.84
CA ARG B 181 27.84 -4.30 12.06
C ARG B 181 27.37 -5.76 12.02
N TRP B 182 26.91 -6.18 10.84
CA TRP B 182 26.47 -7.55 10.63
C TRP B 182 27.60 -8.52 10.87
N GLN B 183 28.80 -8.12 10.47
CA GLN B 183 30.02 -8.94 10.60
C GLN B 183 30.33 -9.19 12.08
N GLN B 184 30.57 -8.10 12.81
CA GLN B 184 30.69 -8.11 14.27
C GLN B 184 29.94 -9.31 14.86
N GLY B 185 28.65 -9.36 14.56
CA GLY B 185 27.78 -10.36 15.12
C GLY B 185 26.72 -9.70 15.97
N ASN B 186 26.77 -8.37 16.10
CA ASN B 186 25.69 -7.60 16.73
C ASN B 186 24.36 -8.32 16.57
N VAL B 187 23.58 -8.35 17.65
CA VAL B 187 22.22 -8.91 17.59
C VAL B 187 21.21 -7.86 17.21
N PHE B 188 20.31 -8.23 16.31
CA PHE B 188 19.23 -7.35 15.90
C PHE B 188 17.88 -7.97 16.19
N SER B 189 16.93 -7.14 16.58
CA SER B 189 15.68 -7.62 17.10
C SER B 189 14.53 -7.04 16.35
N CYS B 190 13.70 -7.91 15.84
CA CYS B 190 12.41 -7.51 15.32
C CYS B 190 11.39 -7.64 16.45
N SER B 191 10.73 -6.53 16.79
CA SER B 191 9.67 -6.49 17.82
C SER B 191 8.32 -6.27 17.19
N VAL B 192 7.45 -7.28 17.29
CA VAL B 192 6.10 -7.18 16.75
C VAL B 192 5.07 -7.07 17.87
N MET B 193 4.14 -6.14 17.71
CA MET B 193 3.05 -5.91 18.63
C MET B 193 1.68 -6.10 17.97
N HIS B 194 0.91 -7.04 18.51
CA HIS B 194 -0.37 -7.47 17.95
C HIS B 194 -1.28 -8.01 19.04
N GLU B 195 -2.58 -7.78 18.93
CA GLU B 195 -3.50 -8.18 20.01
C GLU B 195 -3.49 -9.67 20.30
N ALA B 196 -3.26 -10.50 19.31
CA ALA B 196 -3.33 -11.94 19.57
C ALA B 196 -2.06 -12.50 20.18
N LEU B 197 -1.17 -11.61 20.62
CA LEU B 197 0.12 -12.03 21.17
C LEU B 197 0.12 -12.12 22.70
N HIS B 198 0.74 -13.16 23.24
CA HIS B 198 0.88 -13.25 24.69
C HIS B 198 1.57 -11.95 25.14
N ASN B 199 0.83 -11.11 25.87
CA ASN B 199 1.27 -9.79 26.29
C ASN B 199 1.32 -8.74 25.17
N HIS B 200 0.68 -9.02 24.04
CA HIS B 200 0.63 -8.07 22.94
C HIS B 200 1.99 -7.76 22.26
N TYR B 201 2.99 -8.59 22.50
CA TYR B 201 4.33 -8.31 22.04
C TYR B 201 5.11 -9.61 21.91
N THR B 202 5.71 -9.85 20.77
CA THR B 202 6.74 -10.86 20.67
C THR B 202 7.97 -10.22 20.01
N GLN B 203 9.15 -10.83 20.17
CA GLN B 203 10.36 -10.31 19.55
C GLN B 203 11.31 -11.40 19.06
N LYS B 204 11.68 -11.38 17.79
CA LYS B 204 12.61 -12.39 17.32
C LYS B 204 13.98 -11.80 17.07
N SER B 205 15.02 -12.59 17.35
CA SER B 205 16.39 -12.11 17.21
C SER B 205 17.11 -12.69 15.99
N LEU B 206 18.13 -11.97 15.55
CA LEU B 206 18.86 -12.27 14.34
C LEU B 206 20.31 -11.81 14.47
N SER B 207 21.22 -12.71 14.11
CA SER B 207 22.67 -12.44 14.17
C SER B 207 23.43 -13.37 13.21
N LEU B 208 24.71 -13.06 12.98
CA LEU B 208 25.55 -13.86 12.11
C LEU B 208 25.89 -15.23 12.72
N SER B 209 25.22 -16.28 12.24
CA SER B 209 25.46 -17.68 12.67
C SER B 209 26.37 -18.40 11.68
N PRO B 210 27.63 -18.71 12.09
CA PRO B 210 28.65 -19.31 11.17
C PRO B 210 28.11 -20.43 10.25
C1 NAG C . -22.91 5.49 -11.00
C2 NAG C . -22.10 6.17 -9.90
C3 NAG C . -20.68 6.30 -10.38
C4 NAG C . -20.16 4.90 -10.68
C5 NAG C . -21.07 4.13 -11.65
C6 NAG C . -20.55 2.70 -11.92
C7 NAG C . -23.41 7.68 -8.50
C8 NAG C . -23.76 9.11 -8.15
N2 NAG C . -22.54 7.49 -9.48
O3 NAG C . -19.91 6.95 -9.38
O4 NAG C . -18.88 5.08 -11.25
O5 NAG C . -22.42 4.17 -11.20
O6 NAG C . -21.38 1.64 -11.44
O7 NAG C . -23.95 6.74 -7.91
C1 NAG C . -17.90 5.12 -10.21
C2 NAG C . -16.65 4.56 -10.81
C3 NAG C . -15.45 4.61 -9.88
C4 NAG C . -15.28 6.07 -9.45
C5 NAG C . -16.59 6.54 -8.83
C6 NAG C . -16.53 8.00 -8.34
C7 NAG C . -16.89 2.90 -12.55
C8 NAG C . -17.25 1.49 -12.93
N2 NAG C . -16.98 3.21 -11.25
O3 NAG C . -14.37 4.21 -10.68
O4 NAG C . -14.23 6.43 -8.55
O5 NAG C . -17.65 6.42 -9.76
O6 NAG C . -17.52 8.16 -7.34
O7 NAG C . -16.52 3.70 -13.43
C1 MAN C . -13.12 5.58 -8.20
C2 MAN C . -12.33 6.58 -7.36
C3 MAN C . -10.85 6.70 -7.69
C4 MAN C . -10.26 5.37 -8.10
C5 MAN C . -11.00 4.83 -9.29
C6 MAN C . -10.77 3.34 -9.35
O2 MAN C . -12.53 6.17 -6.03
O3 MAN C . -10.14 7.13 -6.57
O4 MAN C . -8.92 5.55 -8.48
O5 MAN C . -12.40 5.06 -9.30
O6 MAN C . -11.37 2.92 -10.54
C1 MAN C . -10.75 1.69 -10.93
C2 MAN C . -11.36 1.29 -12.27
C3 MAN C . -12.81 0.88 -12.05
C4 MAN C . -12.90 -0.20 -10.95
C5 MAN C . -12.23 0.27 -9.67
C6 MAN C . -12.18 -0.84 -8.62
O2 MAN C . -10.68 0.15 -12.72
O3 MAN C . -13.36 0.42 -13.25
O4 MAN C . -14.25 -0.48 -10.68
O5 MAN C . -10.90 0.67 -9.96
O6 MAN C . -11.65 -0.33 -7.41
C1 NAG C . -9.58 0.42 -13.61
C2 NAG C . -8.72 -0.84 -13.62
C3 NAG C . -7.50 -0.60 -14.48
C4 NAG C . -7.96 -0.25 -15.89
C5 NAG C . -8.83 1.02 -15.82
C6 NAG C . -9.39 1.39 -17.17
C7 NAG C . -8.99 -2.16 -11.51
C8 NAG C . -8.42 -2.40 -10.15
N2 NAG C . -8.35 -1.24 -12.26
O3 NAG C . -6.72 -1.77 -14.50
O4 NAG C . -6.86 -0.12 -16.79
O5 NAG C . -9.92 0.80 -14.94
O6 NAG C . -10.62 0.72 -17.32
O7 NAG C . -9.99 -2.82 -11.88
C1 GAL C . -6.54 -1.36 -17.47
C2 GAL C . -7.25 -1.27 -18.78
C3 GAL C . -6.54 -0.14 -19.54
C4 GAL C . -5.10 -0.46 -19.89
C5 GAL C . -4.57 -1.56 -19.00
C6 GAL C . -3.06 -1.37 -18.88
O2 GAL C . -7.20 -2.53 -19.41
O3 GAL C . -6.40 0.98 -18.69
O4 GAL C . -4.39 0.72 -19.62
O5 GAL C . -5.14 -1.56 -17.68
O6 GAL C . -2.43 -0.97 -20.09
C1 MAN C . -9.51 8.39 -6.86
C2 MAN C . -8.30 8.58 -5.96
C3 MAN C . -8.86 8.60 -4.53
C4 MAN C . -9.68 9.88 -4.41
C5 MAN C . -10.86 9.73 -5.40
C6 MAN C . -11.80 10.94 -5.50
O2 MAN C . -7.75 9.81 -6.39
O3 MAN C . -7.91 8.39 -3.49
O4 MAN C . -10.04 10.01 -3.06
O5 MAN C . -10.40 9.49 -6.72
O6 MAN C . -13.10 10.54 -5.92
C1 NAG C . -6.39 10.04 -5.96
C2 NAG C . -5.43 9.22 -6.81
C3 NAG C . -4.27 10.08 -7.34
C4 NAG C . -4.87 11.33 -8.00
C5 NAG C . -5.58 12.18 -6.94
C6 NAG C . -6.66 13.11 -7.54
C7 NAG C . -4.75 7.79 -4.81
C8 NAG C . -4.68 8.96 -3.85
N2 NAG C . -5.08 7.99 -6.11
O3 NAG C . -3.46 9.37 -8.26
O4 NAG C . -3.88 12.11 -8.63
O5 NAG C . -6.06 11.43 -5.82
O6 NAG C . -7.96 12.71 -7.15
O7 NAG C . -4.49 6.66 -4.39
C1 NAG D . -7.89 22.20 -0.05
C2 NAG D . -8.80 21.09 -0.59
C3 NAG D . -8.88 19.83 0.30
C4 NAG D . -7.57 19.47 1.05
C5 NAG D . -6.77 20.71 1.46
C6 NAG D . -5.36 20.35 1.91
C7 NAG D . -10.62 21.67 -2.08
C8 NAG D . -12.00 22.21 -2.28
N2 NAG D . -10.14 21.61 -0.85
O3 NAG D . -9.29 18.75 -0.53
O4 NAG D . -7.78 18.66 2.21
O5 NAG D . -6.67 21.64 0.38
O6 NAG D . -4.67 19.67 0.88
O7 NAG D . -9.96 21.32 -3.06
C1 NAG D . -8.04 17.27 1.90
C2 NAG D . -7.05 16.29 2.56
C3 NAG D . -7.53 14.81 2.61
C4 NAG D . -9.05 14.57 2.53
C5 NAG D . -9.73 15.66 1.68
C6 NAG D . -11.25 15.57 1.65
C7 NAG D . -4.69 17.00 2.41
C8 NAG D . -3.41 17.02 1.61
N2 NAG D . -5.75 16.38 1.89
O3 NAG D . -7.14 14.25 3.84
O4 NAG D . -9.50 13.26 2.14
O5 NAG D . -9.37 16.92 2.21
O6 NAG D . -11.66 15.46 0.31
O7 NAG D . -4.71 17.57 3.50
C1 MAN D . -8.58 12.25 1.64
C2 MAN D . -9.36 11.27 0.74
C3 MAN D . -9.98 10.09 1.50
C4 MAN D . -9.02 9.50 2.53
C5 MAN D . -8.44 10.60 3.41
C6 MAN D . -7.44 9.93 4.36
O2 MAN D . -8.49 10.77 -0.24
O3 MAN D . -10.25 9.10 0.53
O4 MAN D . -9.67 8.59 3.36
O5 MAN D . -7.79 11.56 2.60
O6 MAN D . -6.99 10.88 5.30
C1 MAN D . -5.59 10.75 5.60
C2 MAN D . -5.31 11.85 6.63
C3 MAN D . -4.95 13.12 5.88
C4 MAN D . -3.65 12.87 5.10
C5 MAN D . -3.80 11.74 4.10
C6 MAN D . -2.41 11.13 3.86
O2 MAN D . -4.22 11.54 7.45
O3 MAN D . -4.78 14.15 6.81
O4 MAN D . -3.30 14.03 4.40
O5 MAN D . -4.71 10.70 4.46
O6 MAN D . -2.29 10.60 2.54
C1 NAG D . -4.51 10.57 8.46
C2 NAG D . -3.17 10.32 9.12
C3 NAG D . -3.38 9.38 10.31
C4 NAG D . -4.10 10.20 11.37
C5 NAG D . -5.38 10.84 10.80
C6 NAG D . -5.55 12.23 11.41
C7 NAG D . -1.85 9.07 7.35
C8 NAG D . -0.58 9.17 6.55
N2 NAG D . -2.06 10.09 8.19
O3 NAG D . -2.20 8.89 10.86
O4 NAG D . -4.35 9.29 12.42
O5 NAG D . -5.49 11.00 9.39
O6 NAG D . -6.31 12.11 12.60
O7 NAG D . -2.59 8.09 7.21
C1 GAL D . -4.47 9.84 13.75
C2 GAL D . -5.23 8.80 14.57
C3 GAL D . -5.28 9.13 16.05
C4 GAL D . -3.92 9.54 16.60
C5 GAL D . -3.24 10.55 15.67
C6 GAL D . -1.81 10.83 16.15
O2 GAL D . -6.56 8.70 14.12
O3 GAL D . -5.70 7.98 16.75
O4 GAL D . -3.13 8.36 16.73
O5 GAL D . -3.21 10.11 14.32
O6 GAL D . -1.10 11.45 15.13
C1 MAN D . -11.25 8.11 0.89
C2 MAN D . -11.12 6.94 -0.10
C3 MAN D . -11.67 7.28 -1.50
C4 MAN D . -12.93 8.15 -1.47
C5 MAN D . -12.89 9.21 -0.36
C6 MAN D . -14.20 10.00 -0.22
O2 MAN D . -11.52 5.68 0.43
O3 MAN D . -11.86 6.10 -2.25
O4 MAN D . -12.99 8.80 -2.71
O5 MAN D . -12.58 8.62 0.89
O6 MAN D . -13.96 11.33 -0.58
C1 NAG D . -12.90 5.29 0.54
C2 NAG D . -12.91 3.85 1.13
C3 NAG D . -14.20 3.47 1.85
C4 NAG D . -14.69 4.64 2.69
C5 NAG D . -14.94 5.78 1.73
C6 NAG D . -15.66 6.95 2.38
C7 NAG D . -11.79 1.77 0.37
C8 NAG D . -11.54 0.82 -0.78
N2 NAG D . -12.56 2.84 0.12
O3 NAG D . -13.97 2.35 2.66
O4 NAG D . -15.87 4.27 3.39
O5 NAG D . -13.66 6.21 1.30
O6 NAG D . -16.07 7.85 1.38
O7 NAG D . -11.28 1.54 1.47
C1 GOL E . 26.04 -23.77 -5.21
O1 GOL E . 25.38 -23.16 -6.31
C2 GOL E . 27.17 -24.64 -5.75
O2 GOL E . 28.16 -23.82 -6.30
C3 GOL E . 27.77 -25.47 -4.63
O3 GOL E . 28.61 -26.45 -5.21
C1 GOL F . -3.41 21.89 -23.94
O1 GOL F . -2.29 21.26 -23.35
C2 GOL F . -4.40 22.36 -22.86
O2 GOL F . -5.67 22.59 -23.44
C3 GOL F . -3.94 23.59 -22.05
O3 GOL F . -2.68 24.12 -22.45
#